data_6TOF
#
_entry.id   6TOF
#
_cell.length_a   66.222
_cell.length_b   66.222
_cell.length_c   151.270
_cell.angle_alpha   90.000
_cell.angle_beta   90.000
_cell.angle_gamma   120.000
#
_symmetry.space_group_name_H-M   'P 61 2 2'
#
loop_
_entity.id
_entity.type
_entity.pdbx_description
1 polymer 'B-cell lymphoma 6 protein'
2 polymer ALA-TRP-VAL-ILE-PRO-ALA
3 non-polymer 2-[(1,3-dimethyl-2-oxidanylidene-benzimidazol-5-yl)amino]pyridine-3-carbonitrile
4 non-polymer 1,2-ETHANEDIOL
5 water water
#
loop_
_entity_poly.entity_id
_entity_poly.type
_entity_poly.pdbx_seq_one_letter_code
_entity_poly.pdbx_strand_id
1 'polypeptide(L)'
;GPGADSCIQFTRHASDVLLNLNRLRSRDILTDVVIVVSREQFRAHKTVLMACSGLFYSIFTDQLKCNLSVINLDPEINPE
GFCILLDFMYTSRLNLREGNIMAVMATAMYLQMEHVVDTCRKFIKASE
;
A
2 'polypeptide(L)' AWVIPA B
#
# COMPACT_ATOMS: atom_id res chain seq x y z
CA ASP A 5 -2.10 29.37 -10.31
C ASP A 5 -2.04 30.31 -9.11
N SER A 6 -3.18 30.89 -8.73
CA SER A 6 -3.32 31.81 -7.59
C SER A 6 -3.74 31.02 -6.31
N CYS A 7 -3.35 29.74 -6.22
CA CYS A 7 -3.72 28.86 -5.12
C CYS A 7 -2.92 29.06 -3.84
N ILE A 8 -3.46 28.55 -2.74
CA ILE A 8 -2.75 28.39 -1.47
C ILE A 8 -2.80 26.90 -1.25
N GLN A 9 -1.92 26.36 -0.43
CA GLN A 9 -1.88 24.92 -0.21
C GLN A 9 -1.81 24.63 1.28
N PHE A 10 -2.53 23.59 1.75
CA PHE A 10 -2.50 23.17 3.13
C PHE A 10 -1.47 22.02 3.18
N THR A 11 -0.30 22.31 3.76
CA THR A 11 0.82 21.37 3.84
CA THR A 11 0.82 21.37 3.85
C THR A 11 0.43 19.99 4.35
N ARG A 12 -0.35 19.92 5.44
CA ARG A 12 -0.68 18.62 6.04
C ARG A 12 -1.88 17.93 5.40
N HIS A 13 -2.49 18.54 4.36
CA HIS A 13 -3.70 17.96 3.79
C HIS A 13 -3.57 16.51 3.33
N ALA A 14 -2.58 16.21 2.47
CA ALA A 14 -2.46 14.86 1.93
C ALA A 14 -2.22 13.81 3.05
N SER A 15 -1.37 14.13 4.03
N SER A 15 -1.38 14.16 4.03
CA SER A 15 -1.10 13.21 5.14
CA SER A 15 -1.06 13.30 5.19
C SER A 15 -2.32 13.07 6.06
C SER A 15 -2.28 13.11 6.10
N ASP A 16 -3.13 14.14 6.22
CA ASP A 16 -4.35 14.09 7.03
C ASP A 16 -5.38 13.21 6.35
N VAL A 17 -5.47 13.28 5.01
CA VAL A 17 -6.38 12.43 4.23
C VAL A 17 -5.96 10.98 4.47
N LEU A 18 -4.67 10.67 4.35
CA LEU A 18 -4.19 9.30 4.57
C LEU A 18 -4.47 8.81 5.98
N LEU A 19 -4.23 9.66 7.00
CA LEU A 19 -4.48 9.32 8.41
C LEU A 19 -5.96 8.98 8.58
N ASN A 20 -6.85 9.80 8.00
CA ASN A 20 -8.30 9.56 8.11
C ASN A 20 -8.70 8.28 7.36
N LEU A 21 -8.10 8.02 6.18
CA LEU A 21 -8.45 6.76 5.47
C LEU A 21 -7.97 5.53 6.29
N ASN A 22 -6.84 5.68 6.99
CA ASN A 22 -6.32 4.60 7.84
C ASN A 22 -7.24 4.38 9.03
N ARG A 23 -7.84 5.46 9.56
CA ARG A 23 -8.79 5.36 10.67
C ARG A 23 -10.05 4.65 10.16
N LEU A 24 -10.50 4.96 8.92
CA LEU A 24 -11.66 4.25 8.33
C LEU A 24 -11.33 2.77 8.19
N ARG A 25 -10.12 2.45 7.71
CA ARG A 25 -9.72 1.05 7.58
C ARG A 25 -9.75 0.33 8.95
N SER A 26 -9.20 0.97 9.98
N SER A 26 -9.20 0.98 10.00
CA SER A 26 -9.14 0.41 11.35
CA SER A 26 -9.15 0.45 11.37
C SER A 26 -10.56 0.11 11.91
C SER A 26 -10.55 0.12 11.92
N ARG A 27 -11.54 0.95 11.57
CA ARG A 27 -12.92 0.82 12.01
C ARG A 27 -13.80 0.05 11.05
N ASP A 28 -13.21 -0.42 9.93
CA ASP A 28 -13.89 -1.17 8.87
C ASP A 28 -15.01 -0.35 8.21
N ILE A 29 -14.76 0.96 8.03
CA ILE A 29 -15.76 1.85 7.44
C ILE A 29 -15.49 1.99 5.94
N LEU A 30 -16.50 1.63 5.12
CA LEU A 30 -16.50 1.71 3.66
C LEU A 30 -15.39 0.88 3.01
N THR A 31 -14.81 -0.10 3.74
CA THR A 31 -13.85 -1.02 3.11
C THR A 31 -14.69 -1.82 2.10
N ASP A 32 -14.13 -2.07 0.91
CA ASP A 32 -14.91 -2.68 -0.15
C ASP A 32 -14.22 -3.88 -0.76
N VAL A 33 -13.12 -4.34 -0.16
CA VAL A 33 -12.45 -5.52 -0.67
C VAL A 33 -11.75 -6.24 0.47
N VAL A 34 -11.68 -7.56 0.36
CA VAL A 34 -10.92 -8.40 1.29
C VAL A 34 -9.78 -8.99 0.46
N ILE A 35 -8.54 -8.79 0.91
CA ILE A 35 -7.37 -9.36 0.23
C ILE A 35 -7.01 -10.57 1.07
N VAL A 36 -6.91 -11.74 0.43
CA VAL A 36 -6.58 -13.00 1.13
C VAL A 36 -5.15 -13.39 0.78
N VAL A 37 -4.33 -13.61 1.82
CA VAL A 37 -2.92 -13.92 1.67
C VAL A 37 -2.62 -15.11 2.60
N SER A 38 -2.42 -16.27 2.02
CA SER A 38 -2.16 -17.56 2.70
C SER A 38 -3.11 -17.76 3.90
N ARG A 39 -4.42 -17.65 3.60
CA ARG A 39 -5.54 -17.87 4.54
C ARG A 39 -5.75 -16.76 5.55
N GLU A 40 -5.00 -15.66 5.41
CA GLU A 40 -5.21 -14.48 6.25
C GLU A 40 -5.91 -13.42 5.45
N GLN A 41 -6.88 -12.75 6.07
CA GLN A 41 -7.70 -11.74 5.41
C GLN A 41 -7.36 -10.31 5.81
N PHE A 42 -7.35 -9.40 4.85
CA PHE A 42 -7.04 -8.00 5.09
C PHE A 42 -8.10 -7.16 4.42
N ARG A 43 -8.82 -6.35 5.20
CA ARG A 43 -9.84 -5.48 4.59
C ARG A 43 -9.21 -4.17 4.15
N ALA A 44 -9.67 -3.60 3.02
CA ALA A 44 -9.09 -2.34 2.57
C ALA A 44 -10.04 -1.63 1.66
N HIS A 45 -9.61 -0.46 1.17
CA HIS A 45 -10.32 0.37 0.22
C HIS A 45 -9.64 0.17 -1.14
N LYS A 46 -10.43 -0.25 -2.15
CA LYS A 46 -9.88 -0.50 -3.50
C LYS A 46 -9.12 0.73 -4.04
N THR A 47 -9.68 1.93 -3.85
CA THR A 47 -9.03 3.13 -4.40
C THR A 47 -7.64 3.37 -3.82
N VAL A 48 -7.45 3.10 -2.51
CA VAL A 48 -6.13 3.28 -1.89
C VAL A 48 -5.18 2.24 -2.47
N LEU A 49 -5.64 0.99 -2.59
CA LEU A 49 -4.79 -0.07 -3.18
C LEU A 49 -4.32 0.28 -4.61
N MET A 50 -5.24 0.77 -5.46
CA MET A 50 -4.97 1.16 -6.85
C MET A 50 -4.00 2.31 -6.90
N ALA A 51 -4.15 3.27 -6.00
CA ALA A 51 -3.28 4.47 -5.97
C ALA A 51 -1.83 4.15 -5.57
N CYS A 52 -1.61 2.99 -4.92
CA CYS A 52 -0.32 2.57 -4.39
C CYS A 52 0.36 1.42 -5.09
N SER A 53 -0.34 0.71 -5.99
CA SER A 53 0.20 -0.52 -6.53
C SER A 53 -0.19 -0.74 -7.96
N GLY A 54 0.80 -1.07 -8.78
CA GLY A 54 0.57 -1.38 -10.20
C GLY A 54 -0.32 -2.60 -10.37
N LEU A 55 -0.13 -3.60 -9.51
CA LEU A 55 -0.94 -4.81 -9.57
C LEU A 55 -2.41 -4.47 -9.25
N PHE A 56 -2.68 -3.77 -8.14
CA PHE A 56 -4.08 -3.45 -7.80
C PHE A 56 -4.70 -2.47 -8.80
N TYR A 57 -3.88 -1.57 -9.38
CA TYR A 57 -4.39 -0.66 -10.42
C TYR A 57 -4.87 -1.52 -11.62
N SER A 58 -4.08 -2.54 -12.04
CA SER A 58 -4.45 -3.43 -13.15
CA SER A 58 -4.43 -3.44 -13.14
C SER A 58 -5.70 -4.24 -12.84
N ILE A 59 -5.81 -4.77 -11.61
CA ILE A 59 -6.98 -5.56 -11.20
C ILE A 59 -8.26 -4.73 -11.20
N PHE A 60 -8.26 -3.59 -10.49
CA PHE A 60 -9.49 -2.84 -10.30
C PHE A 60 -9.86 -1.95 -11.48
N THR A 61 -9.03 -1.86 -12.54
CA THR A 61 -9.43 -1.15 -13.77
C THR A 61 -9.95 -2.20 -14.78
N ASP A 62 -9.87 -3.49 -14.43
CA ASP A 62 -10.38 -4.56 -15.29
C ASP A 62 -11.89 -4.62 -15.10
N GLN A 63 -12.64 -4.65 -16.20
CA GLN A 63 -14.11 -4.66 -16.20
C GLN A 63 -14.75 -5.85 -15.45
N LEU A 64 -14.06 -7.01 -15.35
CA LEU A 64 -14.58 -8.16 -14.60
C LEU A 64 -14.13 -8.14 -13.15
N LYS A 65 -12.83 -7.92 -12.91
CA LYS A 65 -12.24 -7.99 -11.59
C LYS A 65 -12.64 -6.84 -10.70
N CYS A 66 -13.03 -5.68 -11.28
CA CYS A 66 -13.45 -4.54 -10.47
C CYS A 66 -14.69 -4.85 -9.61
N ASN A 67 -15.49 -5.88 -9.98
CA ASN A 67 -16.69 -6.34 -9.29
C ASN A 67 -16.42 -7.30 -8.13
N LEU A 68 -15.19 -7.79 -8.02
CA LEU A 68 -14.88 -8.77 -6.97
C LEU A 68 -14.75 -8.12 -5.59
N SER A 69 -15.31 -8.75 -4.56
N SER A 69 -15.32 -8.77 -4.58
CA SER A 69 -15.19 -8.25 -3.18
CA SER A 69 -15.28 -8.33 -3.18
C SER A 69 -14.07 -9.00 -2.44
C SER A 69 -14.14 -9.05 -2.42
N VAL A 70 -13.56 -10.09 -3.04
CA VAL A 70 -12.45 -10.89 -2.45
C VAL A 70 -11.38 -11.09 -3.54
N ILE A 71 -10.12 -10.76 -3.21
CA ILE A 71 -9.01 -10.97 -4.14
C ILE A 71 -8.02 -11.91 -3.43
N ASN A 72 -7.68 -13.04 -4.05
CA ASN A 72 -6.70 -13.96 -3.49
C ASN A 72 -5.35 -13.68 -4.12
N LEU A 73 -4.35 -13.46 -3.29
CA LEU A 73 -3.00 -13.27 -3.83
C LEU A 73 -2.31 -14.64 -3.88
N ASP A 74 -1.22 -14.73 -4.64
CA ASP A 74 -0.41 -15.96 -4.76
C ASP A 74 -0.06 -16.43 -3.33
N PRO A 75 -0.35 -17.71 -2.97
CA PRO A 75 -0.11 -18.17 -1.58
C PRO A 75 1.34 -18.19 -1.14
N GLU A 76 2.30 -17.99 -2.07
CA GLU A 76 3.70 -17.90 -1.66
C GLU A 76 3.99 -16.55 -1.04
N ILE A 77 3.12 -15.56 -1.30
CA ILE A 77 3.29 -14.25 -0.70
C ILE A 77 3.22 -14.34 0.78
N ASN A 78 4.17 -13.63 1.39
CA ASN A 78 4.33 -13.49 2.80
C ASN A 78 3.28 -12.49 3.34
N PRO A 79 2.32 -12.93 4.17
CA PRO A 79 1.32 -12.00 4.71
C PRO A 79 1.87 -10.90 5.64
N GLU A 80 2.99 -11.16 6.34
CA GLU A 80 3.64 -10.12 7.14
C GLU A 80 4.18 -9.07 6.16
N GLY A 81 4.76 -9.54 5.03
CA GLY A 81 5.27 -8.61 4.00
C GLY A 81 4.14 -7.79 3.44
N PHE A 82 3.00 -8.47 3.17
CA PHE A 82 1.81 -7.77 2.67
C PHE A 82 1.32 -6.72 3.69
N CYS A 83 1.22 -7.12 4.95
CA CYS A 83 0.75 -6.25 6.04
C CYS A 83 1.63 -5.00 6.19
N ILE A 84 2.96 -5.18 6.10
CA ILE A 84 3.93 -4.08 6.14
C ILE A 84 3.67 -3.12 4.97
N LEU A 85 3.41 -3.68 3.77
CA LEU A 85 3.16 -2.84 2.59
C LEU A 85 1.81 -2.15 2.63
N LEU A 86 0.79 -2.84 3.16
CA LEU A 86 -0.54 -2.24 3.30
C LEU A 86 -0.44 -1.05 4.29
N ASP A 87 0.28 -1.24 5.38
CA ASP A 87 0.52 -0.16 6.36
C ASP A 87 1.23 1.01 5.68
N PHE A 88 2.25 0.71 4.85
CA PHE A 88 2.93 1.76 4.07
C PHE A 88 1.94 2.51 3.16
N MET A 89 1.05 1.76 2.48
CA MET A 89 0.06 2.43 1.60
C MET A 89 -0.75 3.47 2.36
N TYR A 90 -1.19 3.13 3.56
CA TYR A 90 -2.01 4.00 4.35
C TYR A 90 -1.29 5.01 5.27
N THR A 91 0.03 4.90 5.40
CA THR A 91 0.78 5.80 6.27
C THR A 91 2.06 6.48 5.75
N SER A 92 2.53 6.05 4.61
CA SER A 92 3.80 6.50 4.01
CA SER A 92 3.79 6.48 3.99
C SER A 92 5.02 5.95 4.73
N ARG A 93 4.79 5.16 5.81
CA ARG A 93 5.87 4.60 6.64
C ARG A 93 6.06 3.12 6.37
N LEU A 94 7.33 2.72 6.09
CA LEU A 94 7.66 1.35 5.72
C LEU A 94 8.52 0.75 6.80
N ASN A 95 8.00 -0.26 7.49
CA ASN A 95 8.75 -0.89 8.58
C ASN A 95 9.74 -1.93 8.02
N LEU A 96 10.84 -1.44 7.46
CA LEU A 96 11.87 -2.27 6.82
C LEU A 96 12.94 -2.64 7.84
N ARG A 97 13.18 -3.96 8.03
CA ARG A 97 14.14 -4.49 8.99
C ARG A 97 15.01 -5.55 8.33
N GLU A 98 16.19 -5.83 8.91
CA GLU A 98 17.08 -6.86 8.37
C GLU A 98 16.32 -8.21 8.17
N GLY A 99 15.46 -8.55 9.14
CA GLY A 99 14.72 -9.80 9.16
C GLY A 99 13.52 -9.87 8.25
N ASN A 100 13.10 -8.74 7.62
CA ASN A 100 11.94 -8.80 6.73
C ASN A 100 12.23 -8.24 5.33
N ILE A 101 13.39 -7.61 5.11
CA ILE A 101 13.66 -6.93 3.83
C ILE A 101 13.48 -7.84 2.62
N MET A 102 14.00 -9.09 2.65
CA MET A 102 13.86 -9.99 1.50
C MET A 102 12.38 -10.27 1.17
N ALA A 103 11.55 -10.52 2.21
CA ALA A 103 10.12 -10.77 2.04
C ALA A 103 9.42 -9.51 1.58
N VAL A 104 9.77 -8.35 2.17
CA VAL A 104 9.13 -7.08 1.77
C VAL A 104 9.46 -6.78 0.31
N MET A 105 10.72 -6.93 -0.07
CA MET A 105 11.10 -6.68 -1.47
C MET A 105 10.35 -7.59 -2.44
N ALA A 106 10.30 -8.90 -2.16
CA ALA A 106 9.58 -9.85 -3.01
C ALA A 106 8.10 -9.47 -3.14
N THR A 107 7.49 -9.03 -2.02
CA THR A 107 6.07 -8.68 -2.03
C THR A 107 5.87 -7.40 -2.84
N ALA A 108 6.76 -6.41 -2.69
CA ALA A 108 6.68 -5.12 -3.42
C ALA A 108 6.86 -5.34 -4.92
N MET A 109 7.74 -6.28 -5.31
CA MET A 109 7.93 -6.64 -6.72
C MET A 109 6.61 -7.26 -7.27
N TYR A 110 6.00 -8.16 -6.51
CA TYR A 110 4.73 -8.77 -6.88
C TYR A 110 3.60 -7.71 -7.00
N LEU A 111 3.56 -6.81 -6.03
CA LEU A 111 2.55 -5.74 -6.02
C LEU A 111 2.84 -4.61 -6.97
N GLN A 112 4.05 -4.58 -7.54
CA GLN A 112 4.46 -3.52 -8.50
C GLN A 112 4.45 -2.16 -7.81
N MET A 113 5.18 -2.09 -6.69
CA MET A 113 5.36 -0.86 -5.91
C MET A 113 6.80 -0.44 -6.12
N GLU A 114 7.04 0.28 -7.24
CA GLU A 114 8.36 0.65 -7.75
C GLU A 114 9.28 1.37 -6.77
N HIS A 115 8.77 2.40 -6.07
CA HIS A 115 9.61 3.15 -5.12
C HIS A 115 10.04 2.26 -3.99
N VAL A 116 9.16 1.37 -3.53
CA VAL A 116 9.51 0.44 -2.44
C VAL A 116 10.60 -0.52 -2.90
N VAL A 117 10.44 -1.12 -4.10
CA VAL A 117 11.47 -2.03 -4.65
C VAL A 117 12.82 -1.28 -4.71
N ASP A 118 12.81 -0.02 -5.18
N ASP A 118 12.81 -0.02 -5.18
CA ASP A 118 14.00 0.85 -5.27
CA ASP A 118 14.00 0.82 -5.28
C ASP A 118 14.73 0.97 -3.93
C ASP A 118 14.73 0.99 -3.93
N THR A 119 13.99 1.31 -2.84
CA THR A 119 14.62 1.47 -1.52
C THR A 119 15.13 0.14 -0.97
N CYS A 120 14.41 -0.96 -1.23
CA CYS A 120 14.88 -2.28 -0.79
C CYS A 120 16.19 -2.63 -1.44
N ARG A 121 16.29 -2.41 -2.77
CA ARG A 121 17.51 -2.71 -3.53
C ARG A 121 18.69 -1.88 -3.02
N LYS A 122 18.44 -0.63 -2.63
CA LYS A 122 19.46 0.27 -2.09
C LYS A 122 19.97 -0.22 -0.75
N PHE A 123 19.06 -0.64 0.15
CA PHE A 123 19.43 -1.14 1.48
C PHE A 123 20.18 -2.47 1.39
N ILE A 124 19.79 -3.33 0.44
CA ILE A 124 20.48 -4.61 0.21
C ILE A 124 21.90 -4.35 -0.32
N LYS A 125 22.04 -3.47 -1.34
CA LYS A 125 23.37 -3.12 -1.90
C LYS A 125 24.30 -2.52 -0.83
N ALA A 126 23.75 -1.71 0.11
CA ALA A 126 24.54 -1.12 1.21
C ALA A 126 25.02 -2.19 2.20
N SER A 127 24.24 -3.28 2.37
N SER A 127 24.24 -3.28 2.38
CA SER A 127 24.54 -4.40 3.28
CA SER A 127 24.56 -4.38 3.29
C SER A 127 25.64 -5.32 2.75
C SER A 127 25.68 -5.28 2.75
N GLU A 128 25.84 -5.34 1.41
CA GLU A 128 26.88 -6.16 0.76
C GLU A 128 28.11 -5.34 0.38
CA ALA B 1 -0.32 25.30 7.93
C ALA B 1 -0.58 25.56 6.44
N TRP B 2 -0.96 26.80 6.12
CA TRP B 2 -1.23 27.21 4.76
C TRP B 2 -0.03 27.89 4.17
N VAL B 3 0.34 27.50 2.94
CA VAL B 3 1.54 28.02 2.27
C VAL B 3 1.30 28.36 0.81
N ILE B 4 2.31 28.98 0.20
CA ILE B 4 2.31 29.23 -1.23
C ILE B 4 2.86 27.95 -1.91
N PRO B 5 2.07 27.29 -2.77
CA PRO B 5 2.58 26.05 -3.42
C PRO B 5 3.67 26.32 -4.46
N ALA B 6 4.60 25.37 -4.60
#